data_7USR
#
_entry.id   7USR
#
_cell.length_a   65.788
_cell.length_b   65.788
_cell.length_c   108.035
_cell.angle_alpha   90.000
_cell.angle_beta   90.000
_cell.angle_gamma   90.000
#
_symmetry.space_group_name_H-M   'P 43'
#
loop_
_entity.id
_entity.type
_entity.pdbx_description
1 polymer 'Gametocyte surface protein P230'
2 branched 2-acetamido-2-deoxy-beta-D-glucopyranose-(1-4)-[alpha-L-fucopyranose-(1-6)]2-acetamido-2-deoxy-beta-D-glucopyranose
3 water water
#
_entity_poly.entity_id   1
_entity_poly.type   'polypeptide(L)'
_entity_poly.pdbx_seq_one_letter_code
;GASTNKEYVCDFTDQLKPTESGPKVKKCEVKVNEPLIKVKIICPLKGSVEKLYDNIEYVPKKSPYVVLTKEETKLKEKLL
SKLIYGLLISPTVNEKENNFKEGVIEFTLPPVVHKATVFYFICDNSKTEDDNKKGNRGIVEVYVEPYGNKINGCAFLDED
EEEEKYGNQIEEDEHNEKIKMKTFFTQNIYKKNNIYPCYMKLYSGDIGGILFPKNIKSTTCFEEMIPYNKEIKWNKENKS
LGNLVNNSVVYNKEMNAKYFNVQYVHIPTSYKDTLNLFCSIILKEEESNLISTSYLVYVSINEELN
;
_entity_poly.pdbx_strand_id   A
#
loop_
_chem_comp.id
_chem_comp.type
_chem_comp.name
_chem_comp.formula
FUC L-saccharide, alpha linking alpha-L-fucopyranose 'C6 H12 O5'
NAG D-saccharide, beta linking 2-acetamido-2-deoxy-beta-D-glucopyranose 'C8 H15 N O6'
#
# COMPACT_ATOMS: atom_id res chain seq x y z
N THR A 4 -6.70 -14.32 4.21
CA THR A 4 -7.86 -14.74 3.43
C THR A 4 -8.28 -13.66 2.45
N ASN A 5 -8.32 -13.98 1.15
CA ASN A 5 -8.57 -13.00 0.09
C ASN A 5 -7.52 -11.88 0.10
N LYS A 6 -6.28 -12.21 0.50
CA LYS A 6 -5.18 -11.25 0.57
C LYS A 6 -5.49 -10.13 1.57
N GLU A 7 -6.27 -10.45 2.61
CA GLU A 7 -6.69 -9.48 3.61
C GLU A 7 -6.71 -10.19 4.96
N TYR A 8 -5.99 -9.65 5.96
CA TYR A 8 -6.11 -10.12 7.34
C TYR A 8 -6.93 -9.12 8.13
N VAL A 9 -7.95 -9.58 8.87
CA VAL A 9 -8.82 -8.68 9.62
C VAL A 9 -8.69 -8.99 11.10
N CYS A 10 -8.41 -7.96 11.88
CA CYS A 10 -8.50 -8.03 13.34
C CYS A 10 -9.78 -7.29 13.72
N ASP A 11 -10.83 -8.02 14.04
CA ASP A 11 -12.10 -7.38 14.36
C ASP A 11 -12.36 -7.47 15.86
N PHE A 12 -12.26 -6.35 16.56
CA PHE A 12 -12.55 -6.35 18.00
C PHE A 12 -14.01 -6.02 18.34
N THR A 13 -14.90 -6.02 17.34
CA THR A 13 -16.30 -5.60 17.56
C THR A 13 -16.94 -6.37 18.70
N ASP A 14 -16.69 -7.67 18.78
CA ASP A 14 -17.35 -8.46 19.80
C ASP A 14 -16.35 -9.13 20.74
N GLN A 15 -15.22 -8.50 20.99
CA GLN A 15 -14.13 -9.10 21.75
C GLN A 15 -13.84 -8.41 23.07
N LEU A 16 -14.38 -7.20 23.29
CA LEU A 16 -13.82 -6.33 24.34
C LEU A 16 -14.85 -5.90 25.36
N LYS A 17 -16.08 -6.38 25.27
CA LYS A 17 -17.10 -5.93 26.19
C LYS A 17 -16.78 -6.33 27.62
N PRO A 18 -17.21 -5.52 28.60
CA PRO A 18 -16.93 -5.82 30.02
C PRO A 18 -17.54 -7.15 30.42
N THR A 19 -16.79 -7.96 31.16
CA THR A 19 -17.36 -9.15 31.83
C THR A 19 -16.82 -9.26 33.24
N GLU A 20 -17.50 -10.06 34.07
CA GLU A 20 -17.07 -10.21 35.48
C GLU A 20 -15.63 -10.68 35.58
N SER A 21 -15.15 -11.47 34.63
CA SER A 21 -13.76 -11.95 34.73
C SER A 21 -12.75 -11.04 34.02
N GLY A 22 -13.20 -9.92 33.45
CA GLY A 22 -12.26 -9.07 32.72
C GLY A 22 -11.39 -8.35 33.74
N PRO A 23 -10.30 -7.73 33.26
CA PRO A 23 -9.94 -7.65 31.85
C PRO A 23 -9.19 -8.92 31.39
N LYS A 24 -9.43 -9.34 30.15
CA LYS A 24 -8.63 -10.32 29.43
C LYS A 24 -7.82 -9.56 28.39
N VAL A 25 -6.75 -10.19 27.88
CA VAL A 25 -6.00 -9.64 26.74
C VAL A 25 -6.42 -10.42 25.50
N LYS A 26 -6.91 -9.70 24.50
CA LYS A 26 -7.34 -10.25 23.22
C LYS A 26 -6.29 -9.86 22.18
N LYS A 27 -5.48 -10.80 21.76
CA LYS A 27 -4.32 -10.49 20.93
C LYS A 27 -4.54 -10.98 19.50
N CYS A 28 -4.56 -10.06 18.54
CA CYS A 28 -4.69 -10.43 17.13
C CYS A 28 -3.27 -10.53 16.55
N GLU A 29 -2.81 -11.73 16.21
CA GLU A 29 -1.47 -11.95 15.66
C GLU A 29 -1.60 -12.06 14.15
N VAL A 30 -1.02 -11.12 13.44
CA VAL A 30 -1.06 -11.08 11.98
C VAL A 30 0.35 -11.40 11.51
N LYS A 31 0.52 -12.51 10.87
CA LYS A 31 1.83 -12.84 10.35
C LYS A 31 1.82 -12.76 8.82
N VAL A 32 2.68 -11.92 8.26
CA VAL A 32 2.68 -11.66 6.83
C VAL A 32 3.97 -12.22 6.23
N ASN A 33 3.82 -13.14 5.29
CA ASN A 33 5.01 -13.51 4.56
C ASN A 33 4.75 -13.63 3.05
N GLU A 34 3.83 -12.86 2.51
CA GLU A 34 3.59 -12.88 1.07
C GLU A 34 3.19 -11.49 0.64
N PRO A 35 3.28 -11.16 -0.64
CA PRO A 35 3.15 -9.76 -1.07
C PRO A 35 1.71 -9.26 -1.07
N LEU A 36 1.60 -7.92 -0.94
CA LEU A 36 0.38 -7.17 -1.25
C LEU A 36 -0.79 -7.59 -0.36
N ILE A 37 -0.53 -7.81 0.94
CA ILE A 37 -1.59 -8.20 1.88
C ILE A 37 -2.17 -6.94 2.48
N LYS A 38 -3.51 -6.85 2.52
CA LYS A 38 -4.16 -5.73 3.19
C LYS A 38 -4.47 -6.12 4.63
N VAL A 39 -4.13 -5.26 5.58
CA VAL A 39 -4.42 -5.47 6.99
C VAL A 39 -5.47 -4.46 7.40
N LYS A 40 -6.56 -4.96 7.99
CA LYS A 40 -7.66 -4.13 8.41
C LYS A 40 -7.90 -4.36 9.90
N ILE A 41 -8.09 -3.28 10.64
CA ILE A 41 -8.29 -3.37 12.09
C ILE A 41 -9.55 -2.62 12.45
N ILE A 42 -10.50 -3.30 13.12
CA ILE A 42 -11.77 -2.72 13.54
C ILE A 42 -11.77 -2.59 15.07
N CYS A 43 -11.98 -1.37 15.57
CA CYS A 43 -11.95 -1.13 17.02
C CYS A 43 -13.24 -0.40 17.40
N PRO A 44 -14.09 -0.98 18.27
CA PRO A 44 -15.42 -0.35 18.55
C PRO A 44 -15.25 1.04 19.13
N LEU A 45 -16.10 1.97 18.67
CA LEU A 45 -16.05 3.35 19.11
C LEU A 45 -16.75 3.52 20.45
N LYS A 46 -16.18 4.39 21.27
CA LYS A 46 -16.89 4.89 22.45
C LYS A 46 -18.31 5.31 22.07
N GLY A 47 -19.29 4.88 22.85
CA GLY A 47 -20.66 5.23 22.55
C GLY A 47 -21.33 4.45 21.44
N SER A 48 -20.60 3.60 20.71
CA SER A 48 -21.27 2.84 19.66
C SER A 48 -22.32 1.89 20.27
N VAL A 49 -22.13 1.52 21.53
CA VAL A 49 -23.13 0.84 22.35
C VAL A 49 -23.14 1.60 23.67
N GLU A 50 -24.33 1.77 24.26
CA GLU A 50 -24.59 2.76 25.29
C GLU A 50 -23.45 2.94 26.28
N LYS A 51 -23.06 1.89 26.95
CA LYS A 51 -22.13 2.02 28.10
C LYS A 51 -20.82 1.27 27.95
N LEU A 52 -20.78 0.29 27.08
CA LEU A 52 -19.78 -0.76 27.17
C LEU A 52 -18.39 -0.34 26.70
N TYR A 53 -18.24 0.76 25.96
CA TYR A 53 -16.94 1.26 25.50
C TYR A 53 -16.64 2.66 26.03
N ASP A 54 -17.23 3.03 27.17
CA ASP A 54 -17.15 4.43 27.61
C ASP A 54 -15.72 4.91 27.85
N ASN A 55 -14.78 4.03 28.21
CA ASN A 55 -13.40 4.41 28.43
C ASN A 55 -12.44 3.70 27.49
N ILE A 56 -12.92 3.25 26.33
CA ILE A 56 -12.04 2.59 25.39
C ILE A 56 -11.03 3.60 24.87
N GLU A 57 -9.83 3.10 24.54
CA GLU A 57 -8.87 4.00 23.94
C GLU A 57 -8.08 3.24 22.89
N TYR A 58 -7.63 3.94 21.84
CA TYR A 58 -6.84 3.30 20.78
C TYR A 58 -5.49 4.00 20.70
N VAL A 59 -4.45 3.24 20.35
CA VAL A 59 -3.08 3.75 20.33
C VAL A 59 -2.35 3.14 19.14
N PRO A 60 -1.54 3.90 18.38
CA PRO A 60 -1.42 5.34 18.39
C PRO A 60 -2.71 6.01 17.92
N LYS A 61 -2.90 7.23 18.39
CA LYS A 61 -4.01 8.04 17.89
C LYS A 61 -3.94 8.23 16.37
N LYS A 62 -2.74 8.30 15.80
CA LYS A 62 -2.55 8.52 14.36
C LYS A 62 -2.29 7.22 13.59
N SER A 63 -2.75 6.08 14.12
CA SER A 63 -2.74 4.84 13.34
C SER A 63 -3.51 5.04 12.03
N PRO A 64 -3.10 4.42 10.92
CA PRO A 64 -1.94 3.53 10.78
C PRO A 64 -0.69 4.24 10.36
N TYR A 65 -0.75 5.57 10.16
CA TYR A 65 0.44 6.35 9.84
C TYR A 65 1.51 6.16 10.89
N VAL A 66 1.09 6.17 12.15
CA VAL A 66 1.98 6.00 13.30
C VAL A 66 1.60 4.67 13.96
N VAL A 67 2.61 3.85 14.27
CA VAL A 67 2.41 2.53 14.88
C VAL A 67 3.31 2.43 16.10
N LEU A 68 3.13 1.37 16.89
CA LEU A 68 4.05 1.10 18.00
C LEU A 68 5.05 0.02 17.64
N THR A 69 6.28 0.20 18.08
CA THR A 69 7.24 -0.90 18.05
C THR A 69 7.81 -1.07 19.44
N LYS A 70 8.44 -2.22 19.66
CA LYS A 70 8.95 -2.53 21.00
C LYS A 70 10.45 -2.21 20.99
N GLU A 71 10.85 -1.28 21.86
N GLU A 71 10.88 -1.29 21.85
CA GLU A 71 12.22 -0.82 21.99
CA GLU A 71 12.28 -0.91 21.93
C GLU A 71 12.62 -0.90 23.46
C GLU A 71 12.67 -0.83 23.40
N GLU A 72 13.77 -1.52 23.75
CA GLU A 72 14.07 -1.89 25.12
C GLU A 72 12.88 -2.73 25.58
N THR A 73 12.22 -2.31 26.64
CA THR A 73 11.02 -3.02 27.03
C THR A 73 9.74 -2.23 26.73
N LYS A 74 9.83 -1.10 26.02
CA LYS A 74 8.68 -0.21 25.93
C LYS A 74 8.15 -0.18 24.49
N LEU A 75 6.89 0.15 24.38
CA LEU A 75 6.23 0.39 23.10
C LEU A 75 6.42 1.87 22.76
N LYS A 76 7.02 2.17 21.62
CA LYS A 76 7.31 3.55 21.25
C LYS A 76 6.69 3.81 19.88
N GLU A 77 6.36 5.07 19.60
CA GLU A 77 5.67 5.37 18.33
C GLU A 77 6.69 5.54 17.21
N LYS A 78 6.37 5.01 16.02
CA LYS A 78 7.23 5.17 14.85
C LYS A 78 6.35 5.36 13.64
N LEU A 79 6.91 6.00 12.60
CA LEU A 79 6.19 6.14 11.33
C LEU A 79 6.22 4.84 10.53
N LEU A 80 5.06 4.28 10.20
CA LEU A 80 5.03 2.99 9.49
C LEU A 80 5.72 3.09 8.11
N SER A 81 5.55 4.23 7.43
CA SER A 81 6.16 4.42 6.12
C SER A 81 7.70 4.42 6.19
N LYS A 82 8.27 4.74 7.35
CA LYS A 82 9.72 4.59 7.47
C LYS A 82 10.12 3.14 7.75
N LEU A 83 9.23 2.39 8.39
CA LEU A 83 9.49 0.98 8.67
C LEU A 83 9.46 0.15 7.40
N ILE A 84 8.46 0.39 6.54
CA ILE A 84 8.22 -0.44 5.37
C ILE A 84 8.09 0.45 4.14
N TYR A 85 9.17 0.57 3.39
CA TYR A 85 9.10 1.38 2.15
C TYR A 85 8.05 0.82 1.18
N GLY A 86 7.24 1.70 0.57
CA GLY A 86 6.29 1.30 -0.45
C GLY A 86 4.96 0.82 0.09
N LEU A 87 4.80 0.77 1.41
CA LEU A 87 3.49 0.47 2.02
C LEU A 87 2.41 1.49 1.57
N LEU A 88 1.21 1.01 1.33
CA LEU A 88 0.13 1.89 0.84
C LEU A 88 -0.84 2.21 1.97
N ILE A 89 -0.97 3.50 2.32
CA ILE A 89 -2.00 3.97 3.25
C ILE A 89 -2.92 4.90 2.49
N SER A 90 -4.13 4.47 2.22
CA SER A 90 -5.01 5.35 1.53
C SER A 90 -5.70 6.31 2.51
N PRO A 91 -6.11 7.52 2.05
CA PRO A 91 -6.68 8.50 3.00
C PRO A 91 -8.01 8.08 3.58
N THR A 92 -8.75 7.23 2.87
CA THR A 92 -10.08 6.83 3.33
C THR A 92 -10.24 5.32 3.29
N VAL A 93 -11.18 4.88 4.12
CA VAL A 93 -11.67 3.50 4.14
C VAL A 93 -13.19 3.61 3.96
N ASN A 94 -13.69 3.12 2.83
CA ASN A 94 -15.09 3.22 2.42
C ASN A 94 -15.59 4.64 2.62
N GLU A 95 -14.86 5.59 2.03
CA GLU A 95 -15.20 7.01 2.00
C GLU A 95 -15.20 7.68 3.38
N LYS A 96 -14.66 7.04 4.42
CA LYS A 96 -14.46 7.67 5.71
C LYS A 96 -12.96 7.81 6.00
N GLU A 97 -12.59 8.84 6.77
CA GLU A 97 -11.17 8.98 7.14
C GLU A 97 -10.56 7.67 7.65
N ASN A 98 -9.34 7.37 7.17
CA ASN A 98 -8.58 6.16 7.57
C ASN A 98 -7.93 6.46 8.94
N ASN A 99 -8.73 6.32 10.00
CA ASN A 99 -8.33 6.71 11.35
C ASN A 99 -9.27 5.99 12.33
N PHE A 100 -8.74 5.52 13.46
CA PHE A 100 -9.59 4.81 14.44
C PHE A 100 -10.80 5.62 14.92
N LYS A 101 -10.81 6.96 14.79
CA LYS A 101 -12.01 7.70 15.17
C LYS A 101 -13.21 7.35 14.28
N GLU A 102 -13.00 6.73 13.13
CA GLU A 102 -14.11 6.24 12.31
C GLU A 102 -14.34 4.74 12.50
N GLY A 103 -13.56 4.08 13.35
CA GLY A 103 -13.85 2.70 13.76
C GLY A 103 -12.97 1.66 13.12
N VAL A 104 -12.23 2.00 12.05
CA VAL A 104 -11.45 1.00 11.32
C VAL A 104 -10.28 1.71 10.66
N ILE A 105 -9.14 1.01 10.55
CA ILE A 105 -8.03 1.47 9.73
C ILE A 105 -7.61 0.33 8.80
N GLU A 106 -6.90 0.69 7.71
CA GLU A 106 -6.43 -0.29 6.72
C GLU A 106 -5.11 0.18 6.16
N PHE A 107 -4.32 -0.78 5.71
CA PHE A 107 -3.13 -0.48 4.91
C PHE A 107 -2.76 -1.72 4.13
N THR A 108 -2.05 -1.53 3.01
CA THR A 108 -1.66 -2.65 2.16
C THR A 108 -0.15 -2.69 2.12
N LEU A 109 0.41 -3.83 2.47
CA LEU A 109 1.84 -4.04 2.45
C LEU A 109 2.33 -4.21 1.01
N PRO A 110 3.62 -3.92 0.74
CA PRO A 110 4.11 -3.80 -0.64
C PRO A 110 4.53 -5.14 -1.22
N PRO A 111 4.98 -5.19 -2.48
CA PRO A 111 5.40 -6.47 -3.04
C PRO A 111 6.64 -7.06 -2.40
N VAL A 112 7.44 -6.26 -1.71
CA VAL A 112 8.78 -6.68 -1.29
C VAL A 112 9.01 -6.07 0.07
N VAL A 113 9.52 -6.88 1.01
CA VAL A 113 9.92 -6.41 2.33
C VAL A 113 11.26 -7.05 2.62
N HIS A 114 12.25 -6.21 2.86
CA HIS A 114 13.64 -6.65 2.98
C HIS A 114 13.95 -7.19 4.38
N LYS A 115 13.37 -6.65 5.45
CA LYS A 115 13.75 -7.10 6.80
C LYS A 115 12.51 -7.34 7.67
N ALA A 116 12.64 -8.33 8.55
CA ALA A 116 11.58 -8.63 9.53
C ALA A 116 11.19 -7.37 10.29
N THR A 117 9.90 -7.13 10.39
CA THR A 117 9.36 -5.89 10.93
C THR A 117 8.17 -6.26 11.78
N VAL A 118 8.16 -5.79 13.02
CA VAL A 118 7.08 -6.11 13.95
C VAL A 118 6.54 -4.82 14.56
N PHE A 119 5.20 -4.62 14.49
CA PHE A 119 4.65 -3.39 15.04
C PHE A 119 3.25 -3.67 15.57
N TYR A 120 2.73 -2.72 16.34
CA TYR A 120 1.59 -2.97 17.19
C TYR A 120 0.58 -1.85 17.11
N PHE A 121 -0.69 -2.22 17.34
CA PHE A 121 -1.78 -1.29 17.60
C PHE A 121 -2.47 -1.73 18.88
N ILE A 122 -3.08 -0.78 19.58
CA ILE A 122 -3.83 -1.08 20.79
C ILE A 122 -5.27 -0.57 20.66
N CYS A 123 -6.22 -1.41 21.08
CA CYS A 123 -7.64 -1.09 21.15
C CYS A 123 -8.08 -1.60 22.52
N ASP A 124 -8.02 -0.74 23.52
CA ASP A 124 -7.95 -1.18 24.91
C ASP A 124 -9.21 -0.71 25.63
N ASN A 125 -10.09 -1.65 25.98
CA ASN A 125 -11.32 -1.35 26.72
C ASN A 125 -11.21 -1.76 28.20
N SER A 126 -9.99 -2.01 28.69
CA SER A 126 -9.84 -2.57 30.04
C SER A 126 -10.13 -1.57 31.15
N LYS A 127 -10.26 -0.27 30.85
CA LYS A 127 -10.64 0.72 31.84
C LYS A 127 -12.12 1.03 31.83
N THR A 128 -12.91 0.38 30.94
CA THR A 128 -14.35 0.53 31.04
C THR A 128 -14.87 -0.45 32.08
N GLU A 129 -15.58 0.04 33.08
CA GLU A 129 -16.17 -0.78 34.12
C GLU A 129 -17.67 -0.66 34.06
N ASP A 130 -18.34 -1.74 34.44
CA ASP A 130 -19.77 -1.68 34.64
C ASP A 130 -20.05 -2.68 35.77
N ASP A 131 -20.57 -2.20 36.88
CA ASP A 131 -20.76 -3.02 38.11
C ASP A 131 -19.41 -3.69 38.38
N ASN A 132 -19.36 -5.00 38.54
CA ASN A 132 -18.07 -5.64 38.77
C ASN A 132 -17.48 -6.24 37.49
N LYS A 133 -17.79 -5.66 36.34
CA LYS A 133 -17.19 -6.13 35.09
C LYS A 133 -16.18 -5.12 34.59
N LYS A 134 -15.22 -5.58 33.81
CA LYS A 134 -14.26 -4.71 33.14
C LYS A 134 -14.10 -5.21 31.73
N GLY A 135 -13.88 -4.26 30.80
CA GLY A 135 -13.65 -4.61 29.40
C GLY A 135 -12.28 -5.28 29.21
N ASN A 136 -12.04 -5.73 27.98
CA ASN A 136 -10.78 -6.37 27.63
C ASN A 136 -9.84 -5.40 26.92
N ARG A 137 -8.55 -5.75 26.98
CA ARG A 137 -7.47 -5.05 26.28
C ARG A 137 -7.20 -5.76 24.96
N GLY A 138 -7.44 -5.07 23.85
CA GLY A 138 -7.16 -5.63 22.53
C GLY A 138 -5.80 -5.16 22.01
N ILE A 139 -5.02 -6.07 21.44
CA ILE A 139 -3.70 -5.76 20.91
C ILE A 139 -3.56 -6.43 19.57
N VAL A 140 -3.00 -5.68 18.58
CA VAL A 140 -2.67 -6.23 17.28
C VAL A 140 -1.16 -6.31 17.21
N GLU A 141 -0.63 -7.47 16.89
CA GLU A 141 0.77 -7.60 16.58
C GLU A 141 0.91 -7.97 15.11
N VAL A 142 1.51 -7.09 14.31
CA VAL A 142 1.77 -7.39 12.89
C VAL A 142 3.22 -7.81 12.77
N TYR A 143 3.47 -9.05 12.39
CA TYR A 143 4.79 -9.57 12.20
C TYR A 143 5.01 -9.77 10.71
N VAL A 144 5.87 -8.95 10.10
CA VAL A 144 6.12 -9.03 8.66
C VAL A 144 7.49 -9.68 8.49
N GLU A 145 7.52 -10.86 7.88
CA GLU A 145 8.75 -11.55 7.52
C GLU A 145 9.26 -11.01 6.19
N PRO A 146 10.57 -11.09 5.93
CA PRO A 146 11.06 -10.66 4.61
C PRO A 146 10.41 -11.52 3.56
N TYR A 147 10.02 -10.90 2.45
CA TYR A 147 9.42 -11.64 1.36
C TYR A 147 9.62 -10.86 0.07
N GLY A 148 9.54 -11.58 -1.04
CA GLY A 148 9.60 -10.99 -2.35
C GLY A 148 11.01 -10.71 -2.80
N ASN A 149 11.11 -10.37 -4.07
CA ASN A 149 12.34 -9.94 -4.70
C ASN A 149 11.93 -8.72 -5.48
N LYS A 150 12.93 -7.99 -5.99
CA LYS A 150 12.73 -6.74 -6.74
C LYS A 150 11.45 -6.78 -7.57
N ILE A 151 10.80 -5.63 -7.75
CA ILE A 151 9.55 -5.56 -8.49
C ILE A 151 9.86 -5.33 -9.96
N ASN A 152 9.34 -6.22 -10.83
CA ASN A 152 9.40 -5.98 -12.27
C ASN A 152 8.81 -4.61 -12.56
N GLY A 153 9.62 -3.72 -13.07
CA GLY A 153 9.10 -2.41 -13.31
C GLY A 153 10.21 -1.38 -13.21
N CYS A 154 9.83 -0.16 -12.82
CA CYS A 154 10.69 1.00 -13.04
C CYS A 154 10.61 1.91 -11.83
N ALA A 155 11.74 2.46 -11.45
CA ALA A 155 11.87 3.45 -10.37
C ALA A 155 12.41 4.71 -11.03
N PHE A 156 11.59 5.77 -11.07
CA PHE A 156 12.05 7.07 -11.59
C PHE A 156 12.67 7.80 -10.41
N LEU A 157 14.01 7.82 -10.39
CA LEU A 157 14.77 8.19 -9.21
C LEU A 157 15.15 9.65 -9.30
N ASP A 158 15.23 10.27 -8.13
CA ASP A 158 15.29 11.72 -8.08
C ASP A 158 16.67 12.27 -8.44
N GLU A 159 17.76 11.51 -8.22
CA GLU A 159 19.06 12.06 -8.54
C GLU A 159 19.27 12.12 -10.04
N ASP A 160 20.19 13.00 -10.47
CA ASP A 160 20.49 13.15 -11.89
C ASP A 160 21.31 11.98 -12.42
N GLU A 161 22.21 11.42 -11.61
CA GLU A 161 23.04 10.29 -12.02
C GLU A 161 23.19 9.32 -10.84
N GLU A 162 23.76 8.15 -11.11
CA GLU A 162 23.90 7.11 -10.09
C GLU A 162 24.81 7.52 -8.94
N ASN A 176 18.61 7.25 3.69
CA ASN A 176 18.42 5.83 3.98
C ASN A 176 17.26 5.33 3.11
N GLU A 177 16.38 6.25 2.74
CA GLU A 177 15.25 5.89 1.89
C GLU A 177 15.66 5.88 0.42
N LYS A 178 16.67 6.68 0.06
CA LYS A 178 17.19 6.68 -1.31
C LYS A 178 17.74 5.31 -1.68
N ILE A 179 18.37 4.63 -0.71
CA ILE A 179 18.83 3.26 -0.93
C ILE A 179 17.67 2.33 -1.27
N LYS A 180 16.54 2.44 -0.55
CA LYS A 180 15.40 1.58 -0.87
C LYS A 180 14.85 1.88 -2.26
N MET A 181 14.69 3.17 -2.61
CA MET A 181 14.16 3.51 -3.91
C MET A 181 15.00 2.94 -5.05
N LYS A 182 16.28 2.64 -4.80
CA LYS A 182 17.23 2.22 -5.82
C LYS A 182 17.37 0.72 -5.89
N THR A 183 16.87 0.01 -4.88
CA THR A 183 16.97 -1.44 -4.88
C THR A 183 15.61 -2.11 -5.02
N PHE A 184 14.53 -1.34 -5.19
CA PHE A 184 13.21 -1.94 -5.12
C PHE A 184 12.67 -2.42 -6.45
N PHE A 185 13.09 -1.83 -7.60
CA PHE A 185 12.52 -2.12 -8.91
C PHE A 185 13.60 -2.64 -9.85
N THR A 186 13.21 -3.37 -10.90
CA THR A 186 14.25 -3.98 -11.72
C THR A 186 14.92 -2.98 -12.67
N GLN A 187 14.26 -1.88 -13.04
CA GLN A 187 14.86 -0.87 -13.91
C GLN A 187 14.87 0.49 -13.20
N ASN A 188 16.04 1.06 -12.99
CA ASN A 188 16.14 2.41 -12.44
C ASN A 188 16.30 3.42 -13.58
N ILE A 189 15.59 4.54 -13.48
CA ILE A 189 15.65 5.62 -14.46
C ILE A 189 16.02 6.91 -13.76
N TYR A 190 17.19 7.42 -14.09
CA TYR A 190 17.66 8.64 -13.48
C TYR A 190 17.14 9.87 -14.23
N LYS A 191 17.20 11.01 -13.56
CA LYS A 191 16.55 12.22 -14.08
C LYS A 191 17.23 12.70 -15.35
N LYS A 192 18.56 12.63 -15.40
CA LYS A 192 19.33 13.30 -16.46
C LYS A 192 19.70 12.32 -17.56
N ASN A 193 19.57 12.76 -18.81
CA ASN A 193 20.12 12.07 -19.97
C ASN A 193 19.58 10.65 -20.13
N ASN A 194 18.29 10.44 -19.80
CA ASN A 194 17.76 9.09 -19.86
C ASN A 194 17.60 8.63 -21.31
N ILE A 195 18.23 7.51 -21.65
CA ILE A 195 18.12 6.96 -23.00
C ILE A 195 17.29 5.69 -23.03
N TYR A 196 16.88 5.17 -21.87
CA TYR A 196 16.09 3.96 -21.73
C TYR A 196 14.72 4.28 -21.15
N PRO A 197 13.67 4.33 -21.97
CA PRO A 197 12.30 4.41 -21.42
C PRO A 197 12.01 3.22 -20.47
N CYS A 198 11.14 3.46 -19.51
CA CYS A 198 10.62 2.38 -18.68
C CYS A 198 9.98 1.32 -19.56
N TYR A 199 10.43 0.08 -19.37
CA TYR A 199 9.88 -1.07 -20.05
C TYR A 199 9.61 -2.09 -18.97
N MET A 200 8.34 -2.31 -18.66
CA MET A 200 7.93 -3.29 -17.66
C MET A 200 7.47 -4.54 -18.40
N LYS A 201 8.16 -5.64 -18.16
CA LYS A 201 7.89 -6.90 -18.85
C LYS A 201 7.33 -7.90 -17.84
N LEU A 202 6.07 -8.26 -17.98
CA LEU A 202 5.39 -9.15 -17.05
C LEU A 202 4.93 -10.42 -17.77
N TYR A 203 4.75 -11.48 -16.96
CA TYR A 203 4.21 -12.76 -17.38
C TYR A 203 3.12 -13.14 -16.40
N SER A 204 2.30 -14.13 -16.77
CA SER A 204 1.22 -14.60 -15.91
C SER A 204 1.72 -14.86 -14.49
N GLY A 205 1.00 -14.35 -13.49
CA GLY A 205 1.39 -14.51 -12.11
C GLY A 205 2.31 -13.40 -11.56
N ASP A 206 2.91 -12.57 -12.41
CA ASP A 206 3.87 -11.57 -11.95
C ASP A 206 3.20 -10.41 -11.25
N ILE A 207 3.94 -9.81 -10.32
CA ILE A 207 3.69 -8.47 -9.81
C ILE A 207 4.56 -7.51 -10.59
N GLY A 208 4.01 -6.36 -10.94
CA GLY A 208 4.78 -5.27 -11.52
C GLY A 208 4.52 -3.99 -10.73
N GLY A 209 5.36 -2.98 -11.00
CA GLY A 209 5.19 -1.71 -10.31
C GLY A 209 6.01 -0.61 -10.95
N ILE A 210 5.56 0.63 -10.72
CA ILE A 210 6.33 1.79 -11.11
C ILE A 210 6.34 2.80 -9.96
N LEU A 211 7.53 3.23 -9.56
CA LEU A 211 7.69 4.42 -8.72
C LEU A 211 7.79 5.59 -9.68
N PHE A 212 6.74 6.38 -9.75
CA PHE A 212 6.69 7.53 -10.65
C PHE A 212 7.54 8.65 -10.10
N PRO A 213 7.99 9.56 -10.98
CA PRO A 213 8.90 10.62 -10.55
C PRO A 213 8.29 11.45 -9.44
N LYS A 214 9.16 12.00 -8.59
CA LYS A 214 8.67 12.87 -7.52
C LYS A 214 7.90 14.06 -8.07
N ASN A 215 8.29 14.57 -9.25
CA ASN A 215 7.63 15.78 -9.77
C ASN A 215 6.61 15.41 -10.83
N ILE A 216 6.05 14.21 -10.76
CA ILE A 216 5.04 13.78 -11.71
C ILE A 216 3.88 14.78 -11.68
N LYS A 217 3.39 15.14 -12.87
CA LYS A 217 2.19 15.95 -13.00
C LYS A 217 0.97 15.07 -13.27
N SER A 218 1.08 14.13 -14.20
CA SER A 218 -0.04 13.24 -14.52
C SER A 218 0.51 12.01 -15.21
N THR A 219 -0.32 10.97 -15.26
CA THR A 219 0.09 9.79 -16.02
C THR A 219 -1.17 9.09 -16.51
N THR A 220 -1.09 8.48 -17.70
CA THR A 220 -2.17 7.60 -18.14
C THR A 220 -1.94 6.16 -17.72
N CYS A 221 -0.85 5.86 -17.00
CA CYS A 221 -0.65 4.50 -16.51
C CYS A 221 -1.50 4.34 -15.25
N PHE A 222 -2.40 3.35 -15.18
CA PHE A 222 -2.61 2.30 -16.16
C PHE A 222 -4.03 2.30 -16.65
N GLU A 223 -4.72 3.43 -16.44
CA GLU A 223 -6.11 3.54 -16.80
C GLU A 223 -6.30 3.72 -18.32
N GLU A 224 -5.30 4.21 -19.03
CA GLU A 224 -5.45 4.49 -20.47
C GLU A 224 -4.25 3.88 -21.22
N MET A 225 -4.24 2.56 -21.30
CA MET A 225 -3.18 1.86 -22.01
C MET A 225 -3.51 1.87 -23.49
N ILE A 226 -2.50 1.99 -24.32
CA ILE A 226 -2.76 1.88 -25.74
C ILE A 226 -2.04 0.64 -26.24
N PRO A 227 -2.77 -0.30 -26.85
CA PRO A 227 -2.12 -1.47 -27.47
C PRO A 227 -1.44 -1.12 -28.76
N TYR A 228 -0.33 -1.80 -29.03
CA TYR A 228 0.38 -1.64 -30.29
C TYR A 228 1.07 -2.96 -30.64
N ASN A 229 1.43 -3.08 -31.91
CA ASN A 229 2.09 -4.25 -32.49
C ASN A 229 3.27 -3.72 -33.30
N LYS A 230 4.45 -3.74 -32.68
CA LYS A 230 5.67 -3.31 -33.35
C LYS A 230 5.71 -1.80 -33.47
N GLU A 231 4.82 -1.19 -34.28
CA GLU A 231 4.82 0.27 -34.40
C GLU A 231 3.64 0.87 -33.66
N ILE A 232 3.86 2.07 -33.14
CA ILE A 232 2.87 2.81 -32.38
C ILE A 232 1.86 3.43 -33.33
N LYS A 233 0.58 3.14 -33.10
CA LYS A 233 -0.50 3.79 -33.83
C LYS A 233 -1.17 4.67 -32.79
N TRP A 234 -0.97 5.99 -32.93
CA TRP A 234 -1.32 6.91 -31.84
C TRP A 234 -2.82 7.01 -31.62
N ASN A 235 -3.60 6.71 -32.64
CA ASN A 235 -5.04 6.80 -32.68
C ASN A 235 -5.76 5.59 -32.04
N LYS A 236 -5.04 4.50 -31.73
CA LYS A 236 -5.68 3.28 -31.28
C LYS A 236 -6.44 3.54 -29.98
N GLU A 237 -7.65 3.02 -29.88
CA GLU A 237 -8.45 3.23 -28.69
C GLU A 237 -7.72 2.73 -27.44
N ASN A 238 -7.75 3.54 -26.38
CA ASN A 238 -7.14 3.16 -25.12
C ASN A 238 -8.13 2.41 -24.22
N LYS A 239 -7.59 1.73 -23.20
CA LYS A 239 -8.35 0.85 -22.32
C LYS A 239 -7.50 0.61 -21.08
N SER A 240 -8.16 0.42 -19.94
CA SER A 240 -7.43 0.22 -18.70
C SER A 240 -6.81 -1.16 -18.66
N LEU A 241 -5.76 -1.30 -17.85
CA LEU A 241 -5.17 -2.62 -17.66
C LEU A 241 -6.21 -3.59 -17.13
N GLY A 242 -7.02 -3.14 -16.16
CA GLY A 242 -8.05 -4.01 -15.61
C GLY A 242 -9.03 -4.50 -16.66
N ASN A 243 -9.34 -3.68 -17.66
CA ASN A 243 -10.23 -4.12 -18.72
C ASN A 243 -9.54 -4.92 -19.81
N LEU A 244 -8.22 -4.75 -19.99
CA LEU A 244 -7.48 -5.50 -21.00
C LEU A 244 -7.15 -6.90 -20.52
N VAL A 245 -6.91 -7.05 -19.22
CA VAL A 245 -6.43 -8.30 -18.63
C VAL A 245 -7.43 -8.67 -17.55
N ASN A 246 -8.34 -9.60 -17.85
CA ASN A 246 -9.40 -9.96 -16.91
C ASN A 246 -8.83 -10.43 -15.56
N ASN A 247 -9.34 -9.86 -14.48
CA ASN A 247 -8.96 -10.17 -13.10
C ASN A 247 -7.55 -9.68 -12.72
N SER A 248 -6.90 -8.88 -13.56
CA SER A 248 -5.74 -8.12 -13.07
C SER A 248 -6.17 -7.21 -11.90
N VAL A 249 -5.19 -6.78 -11.12
CA VAL A 249 -5.39 -5.89 -9.98
C VAL A 249 -4.40 -4.75 -10.09
N VAL A 250 -4.87 -3.51 -9.95
CA VAL A 250 -3.98 -2.37 -9.82
C VAL A 250 -4.10 -1.82 -8.41
N TYR A 251 -2.97 -1.49 -7.80
CA TYR A 251 -2.93 -0.97 -6.43
C TYR A 251 -2.54 0.50 -6.44
N ASN A 252 -3.26 1.31 -5.66
CA ASN A 252 -3.06 2.76 -5.61
C ASN A 252 -3.30 3.40 -7.00
N LYS A 253 -4.36 2.94 -7.68
CA LYS A 253 -4.55 3.46 -9.04
C LYS A 253 -4.90 4.94 -9.03
N GLU A 254 -5.50 5.41 -7.93
N GLU A 254 -5.50 5.45 -7.97
CA GLU A 254 -5.75 6.83 -7.71
CA GLU A 254 -5.70 6.88 -7.96
C GLU A 254 -4.47 7.62 -7.43
C GLU A 254 -4.47 7.64 -7.45
N MET A 255 -3.37 6.95 -7.16
CA MET A 255 -2.15 7.60 -6.67
C MET A 255 -2.46 8.62 -5.58
N ASN A 256 -3.32 8.25 -4.64
CA ASN A 256 -3.58 9.07 -3.47
C ASN A 256 -3.00 8.48 -2.17
N ALA A 257 -2.37 7.31 -2.21
CA ALA A 257 -1.70 6.83 -1.00
C ALA A 257 -0.62 7.82 -0.57
N LYS A 258 -0.43 7.96 0.75
CA LYS A 258 0.54 8.93 1.24
C LYS A 258 1.99 8.50 0.89
N TYR A 259 2.91 9.48 0.84
CA TYR A 259 4.37 9.27 0.82
C TYR A 259 4.92 8.81 -0.54
N PHE A 260 4.33 7.79 -1.19
CA PHE A 260 5.01 7.06 -2.26
C PHE A 260 4.22 7.20 -3.55
N ASN A 261 4.88 7.72 -4.61
CA ASN A 261 4.22 7.89 -5.90
C ASN A 261 4.26 6.58 -6.69
N VAL A 262 3.64 5.56 -6.12
CA VAL A 262 3.83 4.22 -6.65
C VAL A 262 2.49 3.63 -7.05
N GLN A 263 2.50 2.77 -8.09
CA GLN A 263 1.40 1.85 -8.35
C GLN A 263 1.96 0.43 -8.51
N TYR A 264 1.21 -0.56 -8.04
CA TYR A 264 1.56 -1.95 -8.31
C TYR A 264 0.46 -2.55 -9.16
N VAL A 265 0.84 -3.58 -9.91
CA VAL A 265 -0.10 -4.36 -10.70
C VAL A 265 0.17 -5.85 -10.47
N HIS A 266 -0.85 -6.66 -10.62
CA HIS A 266 -0.69 -8.09 -10.58
C HIS A 266 -1.40 -8.72 -11.76
N ILE A 267 -0.68 -9.55 -12.49
CA ILE A 267 -1.23 -10.26 -13.64
C ILE A 267 -1.62 -11.67 -13.17
N PRO A 268 -2.87 -12.10 -13.38
CA PRO A 268 -3.27 -13.43 -12.87
C PRO A 268 -2.57 -14.56 -13.59
N THR A 269 -2.53 -15.71 -12.93
CA THR A 269 -2.03 -16.90 -13.60
C THR A 269 -2.95 -17.31 -14.75
N SER A 270 -4.27 -17.11 -14.60
CA SER A 270 -5.20 -17.47 -15.66
C SER A 270 -4.86 -16.78 -16.98
N TYR A 271 -4.22 -15.61 -16.95
CA TYR A 271 -3.99 -14.82 -18.16
C TYR A 271 -2.75 -15.31 -18.92
N LYS A 272 -2.94 -15.91 -20.09
CA LYS A 272 -1.80 -16.41 -20.85
C LYS A 272 -1.66 -15.81 -22.25
N ASP A 273 -2.49 -14.82 -22.62
CA ASP A 273 -2.38 -14.10 -23.87
C ASP A 273 -1.22 -13.10 -23.83
N THR A 274 -0.83 -12.61 -25.00
CA THR A 274 0.23 -11.63 -25.16
C THR A 274 -0.36 -10.25 -25.44
N LEU A 275 0.13 -9.22 -24.75
CA LEU A 275 -0.18 -7.82 -25.01
C LEU A 275 1.09 -6.99 -25.07
N ASN A 276 1.12 -6.01 -25.98
CA ASN A 276 2.10 -4.94 -25.90
C ASN A 276 1.37 -3.61 -25.79
N LEU A 277 1.73 -2.82 -24.80
CA LEU A 277 0.97 -1.62 -24.43
C LEU A 277 1.92 -0.47 -24.14
N PHE A 278 1.39 0.76 -24.24
CA PHE A 278 2.11 1.90 -23.67
C PHE A 278 1.14 2.86 -23.01
N CYS A 279 1.69 3.62 -22.06
CA CYS A 279 1.02 4.70 -21.40
C CYS A 279 2.06 5.81 -21.34
N SER A 280 1.80 6.85 -20.56
CA SER A 280 2.75 7.96 -20.60
C SER A 280 2.67 8.77 -19.31
N ILE A 281 3.73 9.59 -19.10
CA ILE A 281 3.90 10.42 -17.92
C ILE A 281 4.19 11.85 -18.34
N ILE A 282 3.57 12.80 -17.66
CA ILE A 282 3.89 14.22 -17.80
C ILE A 282 4.47 14.72 -16.49
N LEU A 283 5.52 15.54 -16.56
CA LEU A 283 6.16 16.09 -15.38
C LEU A 283 5.69 17.52 -15.12
N LYS A 284 5.84 17.95 -13.89
CA LYS A 284 5.73 19.38 -13.61
C LYS A 284 6.90 20.11 -14.24
N GLU A 285 6.59 21.12 -15.05
CA GLU A 285 7.56 21.91 -15.79
C GLU A 285 7.38 23.38 -15.44
N GLU A 286 8.38 24.18 -15.77
CA GLU A 286 8.24 25.62 -15.56
C GLU A 286 7.06 26.15 -16.37
N GLU A 287 6.21 26.96 -15.70
CA GLU A 287 5.00 27.49 -16.34
C GLU A 287 5.33 28.32 -17.57
N SER A 288 6.60 28.76 -17.69
CA SER A 288 7.11 29.41 -18.89
C SER A 288 6.95 28.57 -20.16
N ASN A 289 6.80 27.25 -20.03
CA ASN A 289 6.77 26.36 -21.18
C ASN A 289 5.44 26.50 -21.92
N LEU A 290 5.52 26.63 -23.24
CA LEU A 290 4.41 26.55 -24.19
C LEU A 290 4.05 25.07 -24.52
N ILE A 291 5.05 24.22 -24.63
CA ILE A 291 4.86 22.83 -25.02
C ILE A 291 5.15 21.94 -23.81
N SER A 292 4.28 20.97 -23.55
CA SER A 292 4.50 19.94 -22.54
C SER A 292 5.01 18.64 -23.15
N THR A 293 5.75 17.88 -22.36
CA THR A 293 6.35 16.63 -22.84
C THR A 293 5.75 15.40 -22.16
N SER A 294 5.19 14.47 -22.94
CA SER A 294 4.78 13.18 -22.38
C SER A 294 5.84 12.14 -22.72
N TYR A 295 6.29 11.42 -21.70
CA TYR A 295 7.30 10.38 -21.81
C TYR A 295 6.58 9.03 -21.80
N LEU A 296 6.85 8.21 -22.80
CA LEU A 296 6.13 6.96 -22.93
C LEU A 296 6.68 5.90 -21.97
N VAL A 297 5.78 5.06 -21.48
CA VAL A 297 6.10 3.92 -20.62
C VAL A 297 5.61 2.69 -21.35
N TYR A 298 6.46 1.68 -21.48
CA TYR A 298 6.12 0.47 -22.22
C TYR A 298 5.79 -0.68 -21.26
N VAL A 299 4.69 -1.39 -21.55
CA VAL A 299 4.26 -2.55 -20.78
C VAL A 299 4.02 -3.69 -21.73
N SER A 300 4.71 -4.82 -21.51
CA SER A 300 4.40 -6.04 -22.22
C SER A 300 4.00 -7.16 -21.25
N ILE A 301 3.10 -8.01 -21.71
CA ILE A 301 2.59 -9.12 -20.94
C ILE A 301 2.73 -10.38 -21.77
N ASN A 302 3.44 -11.36 -21.25
CA ASN A 302 3.59 -12.63 -21.95
C ASN A 302 4.23 -12.46 -23.32
N GLU A 303 5.21 -11.58 -23.41
CA GLU A 303 5.94 -11.34 -24.65
C GLU A 303 6.67 -12.60 -25.14
N GLU A 304 6.29 -13.10 -26.31
CA GLU A 304 6.84 -14.35 -26.85
C GLU A 304 8.16 -14.14 -27.59
C1 NAG B . -13.45 -12.73 -16.29
C2 NAG B . -14.39 -13.44 -17.29
C3 NAG B . -15.66 -13.94 -16.61
C4 NAG B . -15.33 -14.74 -15.36
C5 NAG B . -14.45 -13.89 -14.44
C6 NAG B . -14.06 -14.57 -13.15
C7 NAG B . -14.30 -12.79 -19.65
C8 NAG B . -14.74 -11.81 -20.69
N2 NAG B . -14.72 -12.56 -18.41
O3 NAG B . -16.38 -14.76 -17.52
O4 NAG B . -16.54 -15.09 -14.68
O5 NAG B . -13.23 -13.58 -15.14
O6 NAG B . -12.98 -15.47 -13.33
O7 NAG B . -13.61 -13.78 -19.92
C1 NAG B . -16.98 -16.31 -14.26
C2 NAG B . -18.07 -16.50 -13.19
C3 NAG B . -17.92 -17.87 -12.51
C4 NAG B . -17.86 -18.99 -13.56
C5 NAG B . -16.74 -18.69 -14.56
C6 NAG B . -16.63 -19.72 -15.67
C7 NAG B . -18.41 -14.19 -12.42
C8 NAG B . -18.26 -13.23 -11.28
N2 NAG B . -18.01 -15.45 -12.19
O3 NAG B . -19.01 -18.12 -11.62
O4 NAG B . -17.64 -20.24 -12.92
O5 NAG B . -17.00 -17.42 -15.18
O6 NAG B . -15.39 -20.42 -15.63
O7 NAG B . -18.89 -13.85 -13.50
C1 FUC B . -12.98 -16.72 -12.75
C2 FUC B . -12.51 -17.77 -13.76
C3 FUC B . -10.96 -17.78 -13.92
C4 FUC B . -10.20 -17.65 -12.57
C5 FUC B . -10.89 -16.65 -11.59
C6 FUC B . -10.43 -16.80 -10.15
O2 FUC B . -13.18 -17.63 -15.03
O3 FUC B . -10.54 -19.00 -14.57
O4 FUC B . -10.05 -18.93 -11.96
O5 FUC B . -12.31 -16.80 -11.54
#